data_3P6B
#
_entry.id   3P6B
#
_cell.length_a   65.949
_cell.length_b   65.949
_cell.length_c   272.436
_cell.angle_alpha   90.00
_cell.angle_beta   90.00
_cell.angle_gamma   90.00
#
_symmetry.space_group_name_H-M   'P 41 21 2'
#
loop_
_entity.id
_entity.type
_entity.pdbx_description
1 polymer 'Cellulose 1,4-beta-cellobiosidase'
2 non-polymer 'CALCIUM ION'
3 non-polymer 'ACETATE ION'
4 non-polymer GLYCEROL
5 non-polymer 'SULFATE ION'
6 water water
#
_entity_poly.entity_id   1
_entity_poly.type   'polypeptide(L)'
_entity_poly.pdbx_seq_one_letter_code
;MGSSHHHHHHSSGLVPRGSHMALEDKSSKLPDYKNDLLYERTFDEGLCFPWHTCEDSGGKCDFAVVDVPGEPGNKAFRLT
VIDKGQNKWSVQMRHRGITLEQGHTYTVRFTIWSDKSCRVYAKIGQMGEPYTEYWNNNWNPFNLTPGQKLTVEQNFTMNY
PTDDTCEFTFHLGGELAAGTPYYVYLDDVSLYDPRFVKPVEYVLP
;
_entity_poly.pdbx_strand_id   A,B
#
# COMPACT_ATOMS: atom_id res chain seq x y z
N HIS A 20 -13.90 -23.49 -17.24
CA HIS A 20 -14.11 -23.98 -15.84
C HIS A 20 -14.66 -22.83 -14.93
N MET A 21 -15.13 -23.20 -13.75
CA MET A 21 -15.92 -22.30 -12.87
C MET A 21 -15.04 -21.33 -12.07
N ALA A 22 -15.25 -20.00 -12.25
CA ALA A 22 -14.48 -18.97 -11.50
C ALA A 22 -15.15 -18.53 -10.18
N LEU A 23 -14.42 -17.82 -9.32
CA LEU A 23 -14.92 -17.45 -7.99
C LEU A 23 -15.07 -15.94 -7.74
N GLU A 24 -16.31 -15.53 -7.53
CA GLU A 24 -16.62 -14.17 -7.19
C GLU A 24 -15.97 -13.92 -5.86
N ASP A 25 -15.48 -12.70 -5.67
CA ASP A 25 -15.14 -12.21 -4.34
C ASP A 25 -16.02 -11.05 -3.99
N LYS A 26 -16.08 -10.74 -2.72
CA LYS A 26 -16.90 -9.69 -2.24
C LYS A 26 -15.99 -8.78 -1.44
N SER A 27 -14.80 -8.50 -1.99
CA SER A 27 -13.83 -7.68 -1.30
C SER A 27 -14.47 -6.34 -1.01
N SER A 28 -14.19 -5.83 0.17
CA SER A 28 -14.77 -4.59 0.66
C SER A 28 -14.03 -3.34 0.20
N LYS A 29 -12.83 -3.55 -0.33
CA LYS A 29 -12.02 -2.46 -0.87
C LYS A 29 -11.83 -2.47 -2.38
N LEU A 30 -12.52 -3.36 -3.08
CA LEU A 30 -12.56 -3.30 -4.55
C LEU A 30 -13.97 -2.98 -5.06
N PRO A 31 -14.10 -2.56 -6.33
CA PRO A 31 -15.42 -2.49 -6.93
C PRO A 31 -16.04 -3.84 -7.19
N ASP A 32 -17.35 -3.84 -7.46
CA ASP A 32 -18.09 -5.07 -7.80
C ASP A 32 -17.39 -5.97 -8.75
N TYR A 33 -17.25 -7.20 -8.31
CA TYR A 33 -16.72 -8.23 -9.16
C TYR A 33 -17.40 -8.30 -10.51
N LYS A 34 -18.70 -8.02 -10.62
CA LYS A 34 -19.37 -8.32 -11.88
C LYS A 34 -18.91 -7.35 -12.96
N ASN A 35 -18.41 -6.20 -12.56
CA ASN A 35 -17.92 -5.20 -13.54
C ASN A 35 -16.40 -5.22 -13.76
N ASP A 36 -15.75 -6.18 -13.12
CA ASP A 36 -14.32 -6.37 -13.30
C ASP A 36 -14.01 -7.24 -14.44
N LEU A 37 -13.01 -6.83 -15.24
CA LEU A 37 -12.60 -7.58 -16.40
C LEU A 37 -11.72 -8.72 -15.92
N LEU A 38 -11.32 -8.71 -14.66
CA LEU A 38 -10.43 -9.78 -14.18
C LEU A 38 -11.22 -10.81 -13.43
N TYR A 39 -10.84 -12.07 -13.60
CA TYR A 39 -11.56 -13.18 -13.01
C TYR A 39 -11.07 -13.66 -11.66
N GLU A 40 -9.84 -13.33 -11.31
CA GLU A 40 -9.34 -13.55 -9.96
C GLU A 40 -8.57 -12.32 -9.49
N ARG A 41 -8.94 -11.82 -8.32
CA ARG A 41 -8.55 -10.54 -7.78
C ARG A 41 -7.89 -10.62 -6.40
N THR A 42 -8.25 -11.61 -5.59
CA THR A 42 -7.77 -11.63 -4.19
C THR A 42 -6.94 -12.86 -3.73
N PHE A 43 -6.96 -13.91 -4.55
CA PHE A 43 -6.23 -15.22 -4.32
C PHE A 43 -6.49 -15.92 -2.94
N ASP A 44 -7.45 -15.41 -2.18
CA ASP A 44 -7.73 -15.88 -0.83
C ASP A 44 -8.23 -17.35 -0.77
N GLU A 45 -8.56 -17.96 -1.90
CA GLU A 45 -8.91 -19.38 -1.90
C GLU A 45 -7.70 -20.27 -2.26
N GLY A 46 -6.54 -19.67 -2.52
CA GLY A 46 -5.36 -20.45 -2.91
C GLY A 46 -5.34 -20.67 -4.41
N LEU A 47 -6.35 -20.15 -5.11
CA LEU A 47 -6.36 -20.27 -6.57
C LEU A 47 -6.01 -18.95 -7.27
N CYS A 48 -5.25 -19.04 -8.36
CA CYS A 48 -4.82 -17.86 -9.11
C CYS A 48 -5.29 -17.86 -10.56
N PHE A 49 -5.67 -19.00 -11.09
CA PHE A 49 -6.11 -19.02 -12.48
C PHE A 49 -7.15 -17.90 -12.68
N PRO A 50 -7.10 -17.16 -13.81
CA PRO A 50 -6.31 -17.13 -15.04
C PRO A 50 -4.94 -16.44 -14.97
N TRP A 51 -4.53 -15.97 -13.79
CA TRP A 51 -3.17 -15.49 -13.61
C TRP A 51 -2.19 -16.62 -13.80
N HIS A 52 -1.21 -16.40 -14.67
CA HIS A 52 -0.13 -17.32 -14.87
C HIS A 52 1.18 -16.56 -15.21
N THR A 53 2.27 -17.32 -15.38
CA THR A 53 3.58 -16.78 -15.58
C THR A 53 3.97 -17.04 -17.01
N CYS A 54 4.94 -16.28 -17.50
CA CYS A 54 5.58 -16.51 -18.79
C CYS A 54 7.07 -16.49 -18.60
N GLU A 55 7.76 -17.42 -19.23
CA GLU A 55 9.21 -17.41 -19.35
C GLU A 55 9.60 -17.18 -20.82
N ASP A 56 10.54 -16.29 -21.08
CA ASP A 56 10.97 -15.98 -22.43
C ASP A 56 12.45 -15.53 -22.45
N SER A 57 13.14 -15.79 -23.56
CA SER A 57 14.43 -15.22 -23.81
C SER A 57 15.36 -15.37 -22.59
N GLY A 58 15.35 -16.57 -22.00
CA GLY A 58 16.22 -16.87 -20.87
C GLY A 58 15.66 -16.67 -19.48
N GLY A 59 14.48 -16.07 -19.37
CA GLY A 59 13.87 -15.92 -18.02
C GLY A 59 13.47 -17.25 -17.43
N LYS A 60 13.39 -17.30 -16.09
CA LYS A 60 12.90 -18.45 -15.39
C LYS A 60 12.14 -18.02 -14.15
N CYS A 61 11.05 -18.68 -13.84
CA CYS A 61 10.28 -18.27 -12.68
C CYS A 61 9.36 -19.36 -12.23
N ASP A 62 8.88 -19.26 -10.99
CA ASP A 62 7.82 -20.09 -10.51
C ASP A 62 6.73 -19.28 -9.88
N PHE A 63 5.65 -19.95 -9.47
CA PHE A 63 4.53 -19.26 -8.78
C PHE A 63 3.85 -20.11 -7.74
N ALA A 64 3.35 -19.50 -6.70
CA ALA A 64 2.52 -20.15 -5.74
C ALA A 64 1.55 -19.08 -5.20
N VAL A 65 0.46 -19.51 -4.57
CA VAL A 65 -0.38 -18.63 -3.83
C VAL A 65 -0.07 -18.96 -2.40
N VAL A 66 0.12 -17.95 -1.54
CA VAL A 66 0.64 -18.19 -0.21
C VAL A 66 0.04 -17.22 0.74
N ASP A 67 0.07 -17.55 2.05
CA ASP A 67 -0.49 -16.71 3.13
C ASP A 67 0.24 -15.38 3.27
N VAL A 68 -0.47 -14.32 3.64
CA VAL A 68 0.17 -13.05 3.89
C VAL A 68 0.47 -12.99 5.35
N PRO A 69 1.75 -12.82 5.72
CA PRO A 69 2.02 -12.91 7.16
C PRO A 69 1.38 -11.78 7.94
N GLY A 70 0.71 -12.12 9.04
CA GLY A 70 0.05 -11.13 9.91
C GLY A 70 -1.38 -10.81 9.53
N GLU A 71 -1.89 -11.51 8.52
CA GLU A 71 -3.18 -11.17 7.94
C GLU A 71 -3.92 -12.46 7.66
N PRO A 72 -4.40 -13.10 8.74
CA PRO A 72 -5.09 -14.40 8.60
C PRO A 72 -6.29 -14.27 7.69
N GLY A 73 -6.53 -15.34 6.96
CA GLY A 73 -7.44 -15.34 5.83
C GLY A 73 -6.83 -14.84 4.53
N ASN A 74 -5.83 -13.96 4.60
CA ASN A 74 -5.37 -13.29 3.37
C ASN A 74 -4.24 -14.07 2.72
N LYS A 75 -4.37 -14.36 1.43
CA LYS A 75 -3.31 -15.00 0.65
C LYS A 75 -2.98 -14.09 -0.58
N ALA A 76 -1.77 -14.23 -1.16
CA ALA A 76 -1.27 -13.38 -2.27
C ALA A 76 -0.67 -14.23 -3.34
N PHE A 77 -0.63 -13.73 -4.56
CA PHE A 77 0.05 -14.47 -5.62
C PHE A 77 1.52 -14.18 -5.41
N ARG A 78 2.36 -15.20 -5.51
CA ARG A 78 3.79 -15.02 -5.26
C ARG A 78 4.56 -15.56 -6.40
N LEU A 79 5.33 -14.71 -7.05
CA LEU A 79 6.16 -15.10 -8.13
C LEU A 79 7.58 -15.17 -7.59
N THR A 80 8.25 -16.27 -7.92
CA THR A 80 9.72 -16.39 -7.67
C THR A 80 10.44 -16.10 -8.98
N VAL A 81 11.26 -15.07 -8.93
CA VAL A 81 12.09 -14.73 -10.05
C VAL A 81 13.37 -15.56 -9.87
N ILE A 82 13.57 -16.54 -10.78
CA ILE A 82 14.70 -17.48 -10.65
C ILE A 82 15.84 -17.01 -11.53
N ASP A 83 15.53 -16.59 -12.78
CA ASP A 83 16.52 -16.06 -13.69
C ASP A 83 15.89 -14.85 -14.43
N LYS A 84 16.61 -13.72 -14.49
CA LYS A 84 16.06 -12.46 -14.99
C LYS A 84 15.99 -12.49 -16.51
N GLY A 85 16.67 -13.46 -17.09
CA GLY A 85 16.79 -13.61 -18.55
C GLY A 85 17.32 -12.44 -19.30
N GLN A 86 17.05 -12.38 -20.61
CA GLN A 86 17.72 -11.41 -21.49
CA GLN A 86 17.71 -11.38 -21.51
C GLN A 86 17.01 -10.05 -21.60
N ASN A 87 15.73 -9.99 -21.20
CA ASN A 87 14.92 -8.77 -21.40
C ASN A 87 13.92 -8.56 -20.27
N LYS A 88 13.46 -7.32 -20.11
CA LYS A 88 12.41 -7.04 -19.18
C LYS A 88 11.21 -7.99 -19.30
N TRP A 89 10.86 -8.38 -20.53
CA TRP A 89 9.75 -9.28 -20.70
C TRP A 89 10.14 -10.75 -20.55
N SER A 90 11.36 -11.08 -20.09
CA SER A 90 11.75 -12.50 -19.96
C SER A 90 11.04 -13.19 -18.82
N VAL A 91 10.54 -12.43 -17.87
CA VAL A 91 9.78 -13.01 -16.80
C VAL A 91 8.49 -12.14 -16.68
N GLN A 92 7.34 -12.82 -16.60
CA GLN A 92 6.10 -12.07 -16.37
C GLN A 92 5.11 -12.85 -15.55
N MET A 93 4.21 -12.11 -14.89
CA MET A 93 2.98 -12.64 -14.39
C MET A 93 1.84 -11.89 -15.11
N ARG A 94 0.86 -12.63 -15.65
CA ARG A 94 -0.21 -12.02 -16.51
C ARG A 94 -1.60 -12.61 -16.45
N HIS A 95 -2.58 -11.82 -16.90
CA HIS A 95 -4.00 -12.18 -17.04
C HIS A 95 -4.40 -11.74 -18.47
N ARG A 96 -4.69 -12.72 -19.31
CA ARG A 96 -5.15 -12.46 -20.66
C ARG A 96 -6.72 -12.40 -20.73
N GLY A 97 -7.26 -12.61 -21.94
CA GLY A 97 -8.69 -12.53 -22.10
C GLY A 97 -9.29 -11.17 -21.73
N ILE A 98 -8.64 -10.10 -22.13
CA ILE A 98 -9.04 -8.73 -21.81
C ILE A 98 -9.41 -8.01 -23.11
N THR A 99 -10.63 -7.47 -23.21
CA THR A 99 -10.99 -6.57 -24.32
C THR A 99 -11.09 -5.15 -23.81
N LEU A 100 -10.33 -4.25 -24.43
CA LEU A 100 -10.46 -2.83 -24.05
C LEU A 100 -11.38 -2.20 -25.08
N GLU A 101 -12.34 -1.45 -24.57
CA GLU A 101 -13.43 -1.01 -25.42
C GLU A 101 -13.28 0.46 -25.69
N GLN A 102 -13.29 0.83 -26.96
CA GLN A 102 -13.16 2.26 -27.29
C GLN A 102 -14.17 3.12 -26.51
N GLY A 103 -13.71 4.08 -25.75
CA GLY A 103 -14.63 4.99 -25.14
C GLY A 103 -14.87 4.67 -23.69
N HIS A 104 -14.46 3.48 -23.25
CA HIS A 104 -14.69 3.10 -21.89
C HIS A 104 -13.57 3.67 -21.02
N THR A 105 -13.86 3.97 -19.77
CA THR A 105 -12.86 4.42 -18.82
C THR A 105 -12.62 3.31 -17.81
N TYR A 106 -11.36 2.91 -17.69
CA TYR A 106 -10.98 1.79 -16.83
C TYR A 106 -10.31 2.25 -15.53
N THR A 107 -10.58 1.56 -14.42
CA THR A 107 -9.80 1.77 -13.23
C THR A 107 -8.91 0.59 -12.97
N VAL A 108 -7.58 0.83 -12.92
CA VAL A 108 -6.56 -0.22 -12.79
C VAL A 108 -6.12 -0.16 -11.36
N ARG A 109 -6.10 -1.31 -10.71
CA ARG A 109 -5.80 -1.40 -9.29
CA ARG A 109 -5.81 -1.40 -9.29
C ARG A 109 -5.00 -2.66 -8.96
N PHE A 110 -4.08 -2.52 -7.99
CA PHE A 110 -3.20 -3.63 -7.60
C PHE A 110 -2.36 -3.26 -6.41
N THR A 111 -2.08 -4.26 -5.59
CA THR A 111 -1.08 -4.19 -4.52
C THR A 111 0.05 -5.15 -4.90
N ILE A 112 1.27 -4.60 -4.92
CA ILE A 112 2.49 -5.36 -5.20
C ILE A 112 3.54 -4.99 -4.16
N TRP A 113 4.34 -6.00 -3.84
CA TRP A 113 5.55 -5.89 -3.05
C TRP A 113 6.56 -7.00 -3.30
N SER A 114 7.78 -6.83 -2.77
CA SER A 114 8.91 -7.75 -3.02
C SER A 114 9.77 -7.84 -1.79
N ASP A 115 10.49 -8.94 -1.66
CA ASP A 115 11.48 -9.04 -0.53
C ASP A 115 12.83 -8.40 -0.90
N LYS A 116 13.01 -7.97 -2.15
CA LYS A 116 14.19 -7.21 -2.51
C LYS A 116 13.79 -5.90 -3.25
N SER A 117 14.75 -5.00 -3.36
CA SER A 117 14.65 -3.83 -4.18
C SER A 117 14.70 -4.24 -5.62
N CYS A 118 13.64 -3.92 -6.38
CA CYS A 118 13.49 -4.32 -7.79
C CYS A 118 12.51 -3.34 -8.46
N ARG A 119 12.30 -3.53 -9.78
CA ARG A 119 11.35 -2.74 -10.49
C ARG A 119 10.34 -3.68 -11.09
N VAL A 120 9.12 -3.20 -11.29
CA VAL A 120 8.08 -3.99 -11.93
C VAL A 120 7.45 -3.09 -12.98
N TYR A 121 7.41 -3.54 -14.21
CA TYR A 121 6.76 -2.73 -15.28
C TYR A 121 5.32 -3.30 -15.49
N ALA A 122 4.32 -2.55 -15.07
CA ALA A 122 2.92 -2.93 -15.26
C ALA A 122 2.42 -2.35 -16.58
N LYS A 123 1.65 -3.13 -17.33
CA LYS A 123 1.02 -2.58 -18.54
C LYS A 123 -0.21 -3.37 -18.92
N ILE A 124 -1.13 -2.69 -19.60
CA ILE A 124 -2.17 -3.35 -20.31
C ILE A 124 -2.02 -3.05 -21.78
N GLY A 125 -1.96 -4.08 -22.60
CA GLY A 125 -1.59 -3.86 -24.00
C GLY A 125 -1.69 -5.16 -24.77
N GLN A 126 -1.48 -5.06 -26.09
CA GLN A 126 -1.54 -6.19 -26.98
C GLN A 126 -0.61 -7.33 -26.66
N MET A 127 -1.19 -8.52 -26.70
CA MET A 127 -0.52 -9.78 -26.50
C MET A 127 0.49 -10.02 -27.56
N GLY A 128 0.18 -9.56 -28.78
CA GLY A 128 0.99 -9.87 -29.97
C GLY A 128 1.50 -8.57 -30.56
N GLU A 129 2.36 -8.74 -31.52
CA GLU A 129 2.90 -7.66 -32.30
C GLU A 129 1.76 -6.82 -32.93
N PRO A 130 1.90 -5.49 -32.94
CA PRO A 130 3.03 -4.67 -32.53
C PRO A 130 3.08 -4.29 -31.04
N TYR A 131 2.39 -5.02 -30.19
CA TYR A 131 2.45 -4.81 -28.78
C TYR A 131 2.08 -3.38 -28.35
N THR A 132 1.10 -2.75 -29.01
CA THR A 132 0.67 -1.44 -28.55
C THR A 132 0.30 -1.46 -27.09
N GLU A 133 0.77 -0.47 -26.34
CA GLU A 133 0.54 -0.44 -24.87
C GLU A 133 -0.59 0.56 -24.61
N TYR A 134 -1.69 0.11 -24.00
CA TYR A 134 -2.85 0.97 -23.80
C TYR A 134 -2.77 1.65 -22.48
N TRP A 135 -2.21 0.98 -21.48
CA TRP A 135 -1.83 1.64 -20.28
C TRP A 135 -0.52 1.07 -19.74
N ASN A 136 0.29 1.96 -19.18
CA ASN A 136 1.59 1.57 -18.66
C ASN A 136 2.20 2.47 -17.63
N ASN A 137 1.39 3.20 -16.87
CA ASN A 137 1.84 4.14 -15.84
C ASN A 137 2.75 5.17 -16.50
N ASN A 138 2.33 5.60 -17.67
CA ASN A 138 3.10 6.58 -18.44
C ASN A 138 4.55 6.22 -18.61
N TRP A 139 4.76 4.98 -19.06
CA TRP A 139 6.06 4.41 -19.32
C TRP A 139 6.96 4.20 -18.14
N ASN A 140 6.49 4.37 -16.91
CA ASN A 140 7.34 4.20 -15.70
C ASN A 140 7.09 2.91 -14.94
N PRO A 141 8.15 2.08 -14.74
CA PRO A 141 8.02 0.99 -13.82
C PRO A 141 7.82 1.50 -12.40
N PHE A 142 7.37 0.60 -11.56
CA PHE A 142 7.27 0.87 -10.16
C PHE A 142 8.50 0.33 -9.43
N ASN A 143 9.05 1.17 -8.55
CA ASN A 143 10.16 0.85 -7.64
C ASN A 143 9.66 0.16 -6.40
N LEU A 144 9.98 -1.12 -6.24
CA LEU A 144 9.70 -1.78 -4.96
C LEU A 144 10.84 -1.67 -3.98
N THR A 145 10.51 -1.45 -2.72
CA THR A 145 11.49 -1.42 -1.63
C THR A 145 11.05 -2.36 -0.47
N PRO A 146 11.96 -3.21 0.05
CA PRO A 146 11.58 -4.15 1.10
C PRO A 146 11.00 -3.44 2.28
N GLY A 147 9.87 -3.96 2.74
CA GLY A 147 9.09 -3.36 3.77
C GLY A 147 8.05 -2.33 3.31
N GLN A 148 7.92 -2.12 2.00
CA GLN A 148 6.97 -1.14 1.47
C GLN A 148 6.05 -1.73 0.50
N LYS A 149 4.76 -1.78 0.86
CA LYS A 149 3.82 -2.22 -0.11
C LYS A 149 3.20 -1.03 -0.83
N LEU A 150 2.96 -1.28 -2.11
CA LEU A 150 2.46 -0.31 -3.03
C LEU A 150 1.07 -0.73 -3.51
N THR A 151 0.08 0.09 -3.22
CA THR A 151 -1.27 -0.08 -3.72
C THR A 151 -1.54 0.98 -4.78
N VAL A 152 -1.69 0.55 -6.00
CA VAL A 152 -1.88 1.47 -7.09
C VAL A 152 -3.36 1.57 -7.51
N GLU A 153 -3.79 2.77 -7.82
CA GLU A 153 -5.09 3.02 -8.40
C GLU A 153 -4.99 4.08 -9.43
N GLN A 154 -5.20 3.75 -10.72
CA GLN A 154 -5.19 4.76 -11.77
C GLN A 154 -6.37 4.52 -12.72
N ASN A 155 -6.89 5.61 -13.27
N ASN A 155 -6.85 5.61 -13.31
CA ASN A 155 -7.82 5.57 -14.42
CA ASN A 155 -7.85 5.60 -14.39
C ASN A 155 -7.21 5.91 -15.79
C ASN A 155 -7.29 5.98 -15.78
N PHE A 156 -7.77 5.31 -16.82
CA PHE A 156 -7.53 5.70 -18.19
C PHE A 156 -8.72 5.38 -19.09
N THR A 157 -8.76 6.04 -20.25
CA THR A 157 -9.85 5.91 -21.20
C THR A 157 -9.25 5.36 -22.44
N MET A 158 -9.84 4.30 -22.95
CA MET A 158 -9.39 3.67 -24.20
C MET A 158 -9.81 4.55 -25.35
N ASN A 159 -8.83 5.13 -26.03
CA ASN A 159 -9.10 6.07 -27.10
C ASN A 159 -8.82 5.39 -28.41
N TYR A 160 -8.15 4.25 -28.38
CA TYR A 160 -7.99 3.46 -29.61
C TYR A 160 -9.25 2.63 -29.87
N PRO A 161 -9.36 2.13 -31.11
CA PRO A 161 -10.33 1.11 -31.45
C PRO A 161 -10.31 -0.09 -30.51
N THR A 162 -11.51 -0.66 -30.29
CA THR A 162 -11.71 -1.78 -29.36
C THR A 162 -10.75 -2.87 -29.72
N ASP A 163 -10.14 -3.50 -28.71
CA ASP A 163 -9.04 -4.46 -28.96
C ASP A 163 -9.23 -5.63 -28.02
N ASP A 164 -9.59 -6.78 -28.57
CA ASP A 164 -9.77 -7.96 -27.76
C ASP A 164 -8.55 -8.81 -27.55
N THR A 165 -7.40 -8.34 -27.96
CA THR A 165 -6.20 -9.15 -27.85
C THR A 165 -5.26 -8.65 -26.78
N CYS A 166 -5.81 -8.15 -25.70
CA CYS A 166 -5.04 -7.48 -24.69
C CYS A 166 -4.79 -8.42 -23.53
N GLU A 167 -3.81 -8.03 -22.71
CA GLU A 167 -3.50 -8.66 -21.44
C GLU A 167 -3.07 -7.59 -20.38
N PHE A 168 -3.23 -7.94 -19.12
CA PHE A 168 -2.75 -7.18 -18.03
C PHE A 168 -1.53 -7.97 -17.49
N THR A 169 -0.34 -7.39 -17.58
CA THR A 169 0.92 -8.19 -17.43
C THR A 169 1.88 -7.38 -16.65
N PHE A 170 2.74 -8.06 -15.87
CA PHE A 170 3.77 -7.37 -15.17
C PHE A 170 5.09 -7.97 -15.61
N HIS A 171 5.99 -7.13 -16.07
CA HIS A 171 7.29 -7.62 -16.48
C HIS A 171 8.26 -7.42 -15.31
N LEU A 172 9.19 -8.36 -15.15
CA LEU A 172 10.04 -8.43 -13.95
C LEU A 172 11.51 -8.74 -14.29
N GLY A 173 11.84 -8.89 -15.57
CA GLY A 173 13.05 -9.47 -15.99
C GLY A 173 14.10 -8.44 -16.39
N GLY A 174 15.26 -8.94 -16.83
CA GLY A 174 16.28 -8.05 -17.36
C GLY A 174 16.75 -7.03 -16.35
N GLU A 175 16.89 -5.78 -16.80
CA GLU A 175 17.33 -4.70 -15.92
C GLU A 175 16.37 -4.31 -14.80
N LEU A 176 15.13 -4.80 -14.83
CA LEU A 176 14.21 -4.56 -13.69
C LEU A 176 14.56 -5.44 -12.48
N ALA A 177 15.25 -6.55 -12.70
CA ALA A 177 15.34 -7.59 -11.69
C ALA A 177 16.32 -7.28 -10.55
N ALA A 178 16.00 -7.72 -9.32
CA ALA A 178 17.01 -7.84 -8.26
C ALA A 178 17.86 -9.15 -8.43
N GLY A 179 18.66 -9.44 -7.41
CA GLY A 179 19.49 -10.63 -7.43
C GLY A 179 18.62 -11.82 -7.28
N THR A 180 18.82 -12.82 -8.12
CA THR A 180 18.02 -13.97 -8.15
C THR A 180 18.54 -15.11 -7.25
N PRO A 181 17.62 -15.82 -6.57
CA PRO A 181 16.20 -15.72 -6.65
C PRO A 181 15.57 -14.79 -5.64
N TYR A 182 14.35 -14.34 -5.94
CA TYR A 182 13.57 -13.48 -5.01
C TYR A 182 12.07 -13.59 -5.31
N TYR A 183 11.28 -13.02 -4.41
CA TYR A 183 9.82 -12.99 -4.51
C TYR A 183 9.26 -11.61 -4.82
N VAL A 184 8.27 -11.60 -5.71
CA VAL A 184 7.37 -10.51 -5.96
C VAL A 184 5.95 -11.03 -5.74
N TYR A 185 5.20 -10.27 -4.97
CA TYR A 185 3.82 -10.54 -4.59
C TYR A 185 2.79 -9.57 -5.30
N LEU A 186 1.66 -10.13 -5.65
CA LEU A 186 0.53 -9.40 -6.23
C LEU A 186 -0.71 -9.77 -5.43
N ASP A 187 -1.59 -8.80 -5.25
CA ASP A 187 -2.83 -9.00 -4.55
C ASP A 187 -3.80 -7.85 -4.92
N ASP A 188 -5.11 -8.07 -4.76
CA ASP A 188 -6.12 -7.06 -4.78
C ASP A 188 -6.07 -6.35 -6.09
N VAL A 189 -6.13 -7.15 -7.13
CA VAL A 189 -5.89 -6.67 -8.46
C VAL A 189 -7.22 -6.64 -9.22
N SER A 190 -7.50 -5.51 -9.90
CA SER A 190 -8.82 -5.17 -10.46
C SER A 190 -8.67 -4.27 -11.69
N LEU A 191 -9.36 -4.64 -12.76
CA LEU A 191 -9.53 -3.75 -13.90
C LEU A 191 -11.05 -3.47 -14.12
N TYR A 192 -11.52 -2.39 -13.50
CA TYR A 192 -12.98 -2.10 -13.39
C TYR A 192 -13.47 -1.15 -14.47
N ASP A 193 -14.63 -1.48 -15.05
CA ASP A 193 -15.28 -0.63 -16.01
C ASP A 193 -16.79 -0.51 -15.63
N PRO A 194 -17.29 0.69 -15.24
CA PRO A 194 -18.70 0.76 -14.89
C PRO A 194 -19.63 0.33 -15.99
N ARG A 195 -19.18 0.31 -17.23
CA ARG A 195 -20.02 -0.09 -18.35
C ARG A 195 -19.63 -1.47 -18.89
N PHE A 196 -19.12 -2.33 -18.00
CA PHE A 196 -18.81 -3.74 -18.34
C PHE A 196 -19.52 -4.63 -17.35
N VAL A 197 -20.04 -5.77 -17.80
CA VAL A 197 -20.59 -6.82 -16.89
C VAL A 197 -20.10 -8.14 -17.41
N LYS A 198 -19.54 -8.98 -16.55
CA LYS A 198 -19.07 -10.27 -16.99
C LYS A 198 -20.26 -11.05 -17.58
N PRO A 199 -19.99 -11.95 -18.55
CA PRO A 199 -21.03 -12.89 -18.98
C PRO A 199 -21.37 -13.82 -17.84
N VAL A 200 -22.68 -14.05 -17.63
CA VAL A 200 -23.14 -15.00 -16.62
C VAL A 200 -23.52 -16.31 -17.26
N GLU A 201 -23.42 -17.36 -16.48
CA GLU A 201 -24.02 -18.64 -16.81
C GLU A 201 -24.80 -19.07 -15.59
N TYR A 202 -25.88 -19.81 -15.82
CA TYR A 202 -26.74 -20.20 -14.75
C TYR A 202 -26.58 -21.70 -14.52
N VAL A 203 -26.68 -22.06 -13.26
CA VAL A 203 -26.58 -23.43 -12.87
C VAL A 203 -27.66 -23.72 -11.79
N LEU A 204 -28.21 -24.94 -11.83
CA LEU A 204 -28.74 -25.55 -10.61
C LEU A 204 -28.09 -26.93 -10.42
N PRO A 205 -27.99 -27.39 -9.16
CA PRO A 205 -28.45 -26.90 -7.87
C PRO A 205 -29.29 -27.98 -7.17
N HIS B 20 -9.37 10.72 28.61
CA HIS B 20 -10.35 10.05 27.71
C HIS B 20 -10.21 8.51 27.72
N MET B 21 -11.34 7.85 27.48
CA MET B 21 -11.41 6.42 27.31
C MET B 21 -11.09 6.15 25.84
N ALA B 22 -10.28 5.12 25.56
CA ALA B 22 -9.88 4.76 24.20
C ALA B 22 -10.60 3.53 23.67
N LEU B 23 -10.81 3.56 22.35
CA LEU B 23 -11.57 2.52 21.65
C LEU B 23 -10.67 1.51 20.87
N GLU B 24 -10.59 0.32 21.44
CA GLU B 24 -9.92 -0.82 20.85
C GLU B 24 -10.38 -1.11 19.41
N ASP B 25 -9.47 -1.53 18.53
CA ASP B 25 -9.89 -2.07 17.26
C ASP B 25 -9.46 -3.52 17.18
N LYS B 26 -10.07 -4.22 16.25
CA LYS B 26 -9.74 -5.58 16.00
C LYS B 26 -9.47 -5.73 14.53
N SER B 27 -8.54 -4.96 13.99
CA SER B 27 -8.17 -5.04 12.58
C SER B 27 -7.63 -6.43 12.22
N SER B 28 -8.00 -6.96 11.08
CA SER B 28 -7.45 -8.25 10.67
C SER B 28 -6.10 -8.15 9.97
N LYS B 29 -5.50 -6.97 10.02
CA LYS B 29 -4.26 -6.66 9.31
C LYS B 29 -3.22 -6.12 10.26
N LEU B 30 -3.61 -5.77 11.47
CA LEU B 30 -2.64 -5.27 12.42
C LEU B 30 -2.44 -6.25 13.57
N PRO B 31 -1.31 -6.16 14.29
CA PRO B 31 -1.21 -6.94 15.48
C PRO B 31 -2.21 -6.51 16.53
N ASP B 32 -2.29 -7.32 17.58
CA ASP B 32 -3.19 -7.12 18.67
C ASP B 32 -3.09 -5.74 19.25
N TYR B 33 -4.23 -5.06 19.35
CA TYR B 33 -4.35 -3.79 20.00
C TYR B 33 -3.72 -3.70 21.39
N LYS B 34 -3.77 -4.79 22.19
N LYS B 34 -3.82 -4.77 22.19
CA LYS B 34 -3.30 -4.69 23.59
CA LYS B 34 -3.31 -4.77 23.56
C LYS B 34 -1.77 -4.56 23.68
C LYS B 34 -1.80 -4.53 23.64
N ASN B 35 -1.12 -5.03 22.62
CA ASN B 35 0.33 -4.98 22.43
C ASN B 35 0.84 -3.73 21.65
N ASP B 36 -0.07 -2.80 21.38
CA ASP B 36 0.26 -1.62 20.61
C ASP B 36 0.47 -0.46 21.47
N LEU B 37 1.56 0.27 21.23
CA LEU B 37 1.83 1.45 22.01
C LEU B 37 0.95 2.62 21.58
N LEU B 38 0.25 2.46 20.46
CA LEU B 38 -0.61 3.52 19.93
C LEU B 38 -2.04 3.25 20.34
N TYR B 39 -2.73 4.30 20.77
CA TYR B 39 -4.13 4.22 21.22
C TYR B 39 -5.21 4.29 20.11
N GLU B 40 -4.88 4.90 18.98
CA GLU B 40 -5.78 4.95 17.79
C GLU B 40 -4.96 4.59 16.58
N ARG B 41 -5.49 3.67 15.80
CA ARG B 41 -4.82 3.03 14.71
C ARG B 41 -5.62 3.01 13.40
N THR B 42 -6.95 2.88 13.46
CA THR B 42 -7.78 2.70 12.21
C THR B 42 -8.62 3.92 11.76
N PHE B 43 -8.87 4.83 12.69
CA PHE B 43 -9.72 6.03 12.51
C PHE B 43 -11.20 5.83 12.07
N ASP B 44 -11.68 4.60 12.13
CA ASP B 44 -12.92 4.20 11.46
C ASP B 44 -14.19 4.70 12.15
N GLU B 45 -14.05 5.22 13.38
CA GLU B 45 -15.15 5.87 14.13
C GLU B 45 -15.30 7.36 13.92
N GLY B 46 -14.39 8.03 13.20
CA GLY B 46 -14.48 9.48 13.04
C GLY B 46 -13.58 10.18 14.05
N LEU B 47 -12.92 9.41 14.91
CA LEU B 47 -12.09 9.99 15.94
C LEU B 47 -10.60 9.65 15.73
N CYS B 48 -9.73 10.56 16.17
CA CYS B 48 -8.30 10.50 15.94
C CYS B 48 -7.48 10.54 17.20
N PHE B 49 -8.01 11.15 18.27
CA PHE B 49 -7.23 11.32 19.49
C PHE B 49 -6.52 10.04 19.87
N PRO B 50 -5.24 10.10 20.29
CA PRO B 50 -4.35 11.23 20.50
C PRO B 50 -3.54 11.78 19.31
N TRP B 51 -3.84 11.35 18.09
CA TRP B 51 -3.22 11.91 16.91
C TRP B 51 -3.65 13.36 16.83
N HIS B 52 -2.68 14.26 16.72
CA HIS B 52 -2.97 15.67 16.63
C HIS B 52 -1.95 16.28 15.68
N THR B 53 -2.14 17.56 15.38
CA THR B 53 -1.24 18.29 14.49
C THR B 53 -0.38 19.27 15.30
N CYS B 54 0.68 19.72 14.68
CA CYS B 54 1.54 20.75 15.20
C CYS B 54 1.90 21.67 14.06
N GLU B 55 1.97 22.98 14.35
CA GLU B 55 2.32 24.06 13.39
C GLU B 55 3.45 24.83 14.02
N ASP B 56 4.50 25.17 13.32
CA ASP B 56 5.69 25.68 14.01
C ASP B 56 6.47 26.44 12.96
N SER B 57 7.22 27.44 13.38
CA SER B 57 8.10 28.20 12.44
C SER B 57 7.47 28.46 11.05
N GLY B 58 6.23 28.91 11.04
CA GLY B 58 5.54 29.28 9.81
C GLY B 58 4.51 28.31 9.25
N GLY B 59 4.53 27.08 9.73
CA GLY B 59 3.60 26.08 9.22
C GLY B 59 2.14 26.36 9.52
N LYS B 60 1.25 25.88 8.66
CA LYS B 60 -0.16 25.95 8.95
C LYS B 60 -0.79 24.69 8.45
N CYS B 61 -1.68 24.08 9.21
CA CYS B 61 -2.39 22.94 8.68
C CYS B 61 -3.74 22.72 9.33
N ASP B 62 -4.51 21.80 8.78
CA ASP B 62 -5.67 21.31 9.44
C ASP B 62 -5.77 19.82 9.38
N PHE B 63 -6.79 19.28 10.05
CA PHE B 63 -7.05 17.86 9.96
C PHE B 63 -8.52 17.52 10.12
N ALA B 64 -8.87 16.30 9.69
CA ALA B 64 -10.21 15.73 9.80
C ALA B 64 -10.16 14.21 9.55
N VAL B 65 -11.16 13.47 10.04
CA VAL B 65 -11.20 12.07 9.71
C VAL B 65 -12.22 11.94 8.64
N VAL B 66 -11.91 11.26 7.55
CA VAL B 66 -12.81 11.31 6.42
C VAL B 66 -12.93 9.93 5.87
N ASP B 67 -13.93 9.71 5.05
CA ASP B 67 -14.18 8.42 4.48
C ASP B 67 -13.13 8.19 3.43
N VAL B 68 -12.80 6.93 3.22
CA VAL B 68 -11.81 6.53 2.26
C VAL B 68 -12.65 6.14 1.08
N PRO B 69 -12.52 6.87 -0.03
CA PRO B 69 -13.46 6.58 -1.11
C PRO B 69 -13.27 5.17 -1.60
N GLY B 70 -14.40 4.52 -1.91
CA GLY B 70 -14.41 3.17 -2.54
C GLY B 70 -14.27 1.98 -1.59
N GLU B 71 -14.35 2.27 -0.29
CA GLU B 71 -14.01 1.33 0.79
C GLU B 71 -14.99 1.62 1.91
N PRO B 72 -16.22 1.13 1.77
CA PRO B 72 -17.26 1.38 2.77
C PRO B 72 -16.84 1.08 4.18
N GLY B 73 -17.13 2.00 5.10
CA GLY B 73 -16.75 1.84 6.52
C GLY B 73 -15.29 2.12 6.87
N ASN B 74 -14.44 2.37 5.88
CA ASN B 74 -13.07 2.76 6.19
C ASN B 74 -12.93 4.27 6.26
N LYS B 75 -12.33 4.77 7.32
CA LYS B 75 -11.99 6.17 7.45
C LYS B 75 -10.50 6.35 7.67
N ALA B 76 -10.00 7.55 7.40
CA ALA B 76 -8.58 7.85 7.57
C ALA B 76 -8.36 9.28 8.06
N PHE B 77 -7.23 9.47 8.69
CA PHE B 77 -6.84 10.77 9.15
C PHE B 77 -6.38 11.57 7.92
N ARG B 78 -6.86 12.79 7.77
CA ARG B 78 -6.46 13.63 6.67
C ARG B 78 -5.84 14.88 7.18
N LEU B 79 -4.63 15.14 6.78
CA LEU B 79 -4.04 16.38 7.10
C LEU B 79 -4.02 17.30 5.87
N THR B 80 -4.52 18.51 6.05
CA THR B 80 -4.44 19.55 5.03
C THR B 80 -3.21 20.38 5.27
N VAL B 81 -2.20 20.28 4.42
CA VAL B 81 -1.00 21.09 4.61
C VAL B 81 -1.32 22.42 3.96
N ILE B 82 -1.38 23.48 4.76
CA ILE B 82 -1.92 24.79 4.34
C ILE B 82 -0.78 25.71 3.96
N ASP B 83 0.28 25.66 4.75
CA ASP B 83 1.43 26.45 4.45
C ASP B 83 2.63 25.68 5.02
N LYS B 84 3.63 25.49 4.17
CA LYS B 84 4.74 24.58 4.45
C LYS B 84 5.64 25.10 5.58
N GLY B 85 5.52 26.40 5.90
CA GLY B 85 6.45 27.04 6.82
C GLY B 85 7.92 27.03 6.40
N GLN B 86 8.77 27.24 7.40
CA GLN B 86 10.21 27.41 7.21
C GLN B 86 10.99 26.13 7.34
N ASN B 87 10.43 25.16 8.04
CA ASN B 87 11.19 23.90 8.28
C ASN B 87 10.38 22.60 7.91
N LYS B 88 11.10 21.48 7.82
CA LYS B 88 10.45 20.18 7.66
C LYS B 88 9.52 19.94 8.83
N TRP B 89 9.96 20.36 10.01
CA TRP B 89 9.17 20.23 11.22
C TRP B 89 8.08 21.23 11.38
N SER B 90 7.97 22.18 10.46
CA SER B 90 6.92 23.20 10.62
C SER B 90 5.55 22.66 10.57
N VAL B 91 5.36 21.51 9.95
CA VAL B 91 4.00 20.92 9.93
C VAL B 91 4.16 19.44 10.27
N GLN B 92 3.33 18.96 11.18
CA GLN B 92 3.43 17.58 11.65
C GLN B 92 2.08 16.99 12.02
N MET B 93 1.96 15.69 11.86
CA MET B 93 0.92 14.91 12.49
C MET B 93 1.60 13.85 13.36
N ARG B 94 1.15 13.70 14.61
CA ARG B 94 1.91 13.00 15.61
C ARG B 94 1.07 12.39 16.77
N HIS B 95 1.58 11.27 17.32
CA HIS B 95 1.01 10.57 18.49
C HIS B 95 2.10 10.61 19.54
N ARG B 96 1.82 11.23 20.67
CA ARG B 96 2.76 11.28 21.75
C ARG B 96 2.50 10.12 22.79
N GLY B 97 3.14 10.22 23.96
CA GLY B 97 2.88 9.26 25.05
C GLY B 97 3.49 7.93 24.78
N ILE B 98 4.75 7.92 24.35
CA ILE B 98 5.42 6.70 23.81
C ILE B 98 6.67 6.52 24.58
N THR B 99 6.78 5.34 25.19
CA THR B 99 7.98 4.90 25.90
C THR B 99 8.64 3.81 25.14
N LEU B 100 9.82 4.10 24.60
CA LEU B 100 10.58 3.04 23.97
C LEU B 100 11.53 2.46 25.06
N GLU B 101 11.57 1.11 25.12
CA GLU B 101 12.26 0.40 26.22
C GLU B 101 13.48 -0.38 25.70
N GLN B 102 14.61 -0.24 26.37
CA GLN B 102 15.86 -0.80 25.92
C GLN B 102 15.71 -2.26 25.76
N GLY B 103 16.22 -2.83 24.69
CA GLY B 103 16.07 -4.25 24.45
C GLY B 103 14.78 -4.70 23.84
N HIS B 104 13.75 -3.85 23.80
CA HIS B 104 12.54 -4.27 23.14
C HIS B 104 12.62 -4.06 21.61
N THR B 105 11.82 -4.84 20.89
CA THR B 105 11.83 -4.87 19.43
C THR B 105 10.44 -4.47 18.94
N TYR B 106 10.40 -3.41 18.14
CA TYR B 106 9.18 -2.69 17.83
C TYR B 106 8.88 -2.81 16.36
N THR B 107 7.63 -3.08 16.03
CA THR B 107 7.23 -3.14 14.66
C THR B 107 6.42 -1.87 14.32
N VAL B 108 7.02 -1.04 13.46
CA VAL B 108 6.41 0.25 13.00
C VAL B 108 5.64 -0.08 11.72
N ARG B 109 4.35 0.27 11.72
N ARG B 109 4.36 0.27 11.70
CA ARG B 109 3.47 0.03 10.58
CA ARG B 109 3.51 0.01 10.55
C ARG B 109 2.64 1.30 10.26
C ARG B 109 2.63 1.26 10.26
N PHE B 110 2.40 1.57 8.98
CA PHE B 110 1.50 2.67 8.62
C PHE B 110 1.19 2.68 7.12
N THR B 111 0.03 3.19 6.79
CA THR B 111 -0.33 3.43 5.40
C THR B 111 -0.55 4.93 5.23
N ILE B 112 0.19 5.47 4.27
CA ILE B 112 0.22 6.88 3.94
C ILE B 112 0.08 7.11 2.47
N TRP B 113 -0.65 8.19 2.14
CA TRP B 113 -0.75 8.66 0.75
C TRP B 113 -1.15 10.13 0.69
N SER B 114 -1.11 10.71 -0.53
CA SER B 114 -1.37 12.10 -0.80
C SER B 114 -1.92 12.34 -2.21
N ASP B 115 -2.73 13.38 -2.34
CA ASP B 115 -3.23 13.80 -3.66
C ASP B 115 -2.16 14.53 -4.51
N LYS B 116 -1.02 14.90 -3.92
CA LYS B 116 0.09 15.55 -4.69
C LYS B 116 1.42 14.77 -4.51
N SER B 117 2.41 14.97 -5.35
CA SER B 117 3.71 14.34 -5.10
C SER B 117 4.37 15.12 -4.00
N CYS B 118 4.75 14.41 -2.92
CA CYS B 118 5.39 15.07 -1.80
C CYS B 118 6.28 14.09 -1.09
N ARG B 119 6.92 14.57 -0.05
CA ARG B 119 7.70 13.72 0.83
C ARG B 119 7.14 13.83 2.29
N VAL B 120 7.28 12.75 3.04
CA VAL B 120 6.82 12.67 4.40
C VAL B 120 7.98 12.14 5.20
N TYR B 121 8.46 12.84 6.21
CA TYR B 121 9.54 12.23 7.03
C TYR B 121 8.93 11.59 8.27
N ALA B 122 8.95 10.26 8.35
CA ALA B 122 8.36 9.54 9.55
C ALA B 122 9.49 9.28 10.56
N LYS B 123 9.27 9.55 11.84
CA LYS B 123 10.26 9.24 12.88
C LYS B 123 9.59 8.98 14.20
N ILE B 124 10.28 8.19 15.04
CA ILE B 124 9.89 7.98 16.42
C ILE B 124 11.14 8.38 17.18
N GLY B 125 10.98 9.42 17.96
CA GLY B 125 12.11 10.06 18.59
C GLY B 125 11.73 10.94 19.79
N GLN B 126 12.71 11.61 20.36
CA GLN B 126 12.47 12.48 21.49
C GLN B 126 11.60 13.68 21.08
N MET B 127 10.71 14.06 21.99
CA MET B 127 9.85 15.23 21.82
C MET B 127 10.60 16.52 21.99
N GLY B 128 11.60 16.49 22.85
CA GLY B 128 12.39 17.69 23.17
C GLY B 128 13.86 17.53 22.88
N GLU B 129 14.56 18.65 23.01
CA GLU B 129 15.97 18.71 22.77
C GLU B 129 16.65 17.58 23.56
N PRO B 130 17.62 16.89 22.98
CA PRO B 130 18.27 16.96 21.69
C PRO B 130 17.62 16.19 20.53
N TYR B 131 16.38 15.79 20.65
CA TYR B 131 15.64 15.25 19.51
C TYR B 131 16.29 13.98 18.94
N THR B 132 16.77 13.10 19.80
CA THR B 132 17.37 11.89 19.30
C THR B 132 16.29 11.13 18.57
N GLU B 133 16.68 10.57 17.42
CA GLU B 133 15.72 9.84 16.63
C GLU B 133 16.09 8.36 16.80
N TYR B 134 15.19 7.60 17.42
CA TYR B 134 15.41 6.16 17.60
C TYR B 134 15.05 5.34 16.41
N TRP B 135 14.09 5.77 15.58
CA TRP B 135 13.82 5.11 14.28
C TRP B 135 13.34 6.20 13.31
N ASN B 136 13.72 6.09 12.03
CA ASN B 136 13.45 7.14 11.02
C ASN B 136 13.64 6.74 9.56
N ASN B 137 13.37 5.47 9.30
CA ASN B 137 13.53 4.85 8.01
C ASN B 137 14.99 5.08 7.51
N ASN B 138 15.95 4.91 8.41
CA ASN B 138 17.37 5.17 8.09
C ASN B 138 17.60 6.53 7.40
N TRP B 139 17.01 7.57 7.99
CA TRP B 139 17.21 8.98 7.58
C TRP B 139 16.53 9.38 6.25
N ASN B 140 15.75 8.47 5.68
CA ASN B 140 15.10 8.71 4.39
C ASN B 140 13.62 9.02 4.53
N PRO B 141 13.21 10.18 4.00
CA PRO B 141 11.77 10.44 3.87
C PRO B 141 11.14 9.49 2.86
N PHE B 142 9.82 9.32 2.93
CA PHE B 142 9.07 8.58 1.91
C PHE B 142 8.50 9.47 0.79
N ASN B 143 8.64 9.00 -0.44
CA ASN B 143 8.19 9.69 -1.58
C ASN B 143 6.78 9.18 -1.96
N LEU B 144 5.85 10.08 -1.85
CA LEU B 144 4.46 9.86 -2.20
C LEU B 144 4.19 10.33 -3.61
N THR B 145 3.47 9.50 -4.37
CA THR B 145 3.03 9.80 -5.73
C THR B 145 1.53 9.61 -5.79
N PRO B 146 0.82 10.53 -6.45
CA PRO B 146 -0.62 10.32 -6.64
C PRO B 146 -1.05 9.04 -7.34
N GLY B 147 -2.04 8.36 -6.76
CA GLY B 147 -2.48 7.06 -7.16
C GLY B 147 -1.68 5.93 -6.53
N GLN B 148 -0.81 6.25 -5.58
CA GLN B 148 0.02 5.20 -4.97
C GLN B 148 -0.01 5.28 -3.44
N LYS B 149 -0.61 4.28 -2.82
CA LYS B 149 -0.61 4.23 -1.36
C LYS B 149 0.62 3.39 -0.94
N LEU B 150 1.24 3.83 0.11
CA LEU B 150 2.39 3.20 0.69
C LEU B 150 2.07 2.58 2.05
N THR B 151 2.15 1.25 2.14
CA THR B 151 2.04 0.57 3.43
C THR B 151 3.43 0.13 3.87
N VAL B 152 3.93 0.79 4.89
CA VAL B 152 5.23 0.49 5.49
C VAL B 152 5.21 -0.52 6.67
N GLU B 153 6.25 -1.33 6.81
CA GLU B 153 6.37 -2.23 7.93
C GLU B 153 7.82 -2.47 8.20
N GLN B 154 8.31 -1.93 9.30
CA GLN B 154 9.70 -2.15 9.65
C GLN B 154 9.89 -2.49 11.10
N ASN B 155 10.93 -3.29 11.38
CA ASN B 155 11.36 -3.54 12.74
C ASN B 155 12.63 -2.83 13.15
N PHE B 156 12.65 -2.45 14.41
CA PHE B 156 13.83 -1.97 15.00
C PHE B 156 13.83 -2.34 16.45
N THR B 157 15.05 -2.54 16.96
CA THR B 157 15.28 -2.75 18.39
C THR B 157 15.82 -1.49 19.06
N MET B 158 15.23 -1.09 20.18
CA MET B 158 15.71 0.03 21.02
C MET B 158 16.98 -0.30 21.82
N ASN B 159 18.11 0.16 21.30
CA ASN B 159 19.43 -0.04 21.90
C ASN B 159 19.90 1.00 22.88
N TYR B 160 19.19 2.12 22.91
CA TYR B 160 19.47 3.15 23.87
C TYR B 160 18.65 2.89 25.15
N PRO B 161 19.02 3.56 26.23
CA PRO B 161 18.31 3.44 27.45
C PRO B 161 16.86 3.91 27.27
N THR B 162 15.96 3.26 28.01
CA THR B 162 14.50 3.50 27.92
C THR B 162 14.24 5.00 28.02
N ASP B 163 13.34 5.50 27.20
CA ASP B 163 13.14 6.93 27.09
C ASP B 163 11.65 7.14 26.96
N ASP B 164 11.04 7.73 27.99
CA ASP B 164 9.60 7.88 28.03
C ASP B 164 9.16 9.23 27.44
N THR B 165 10.10 9.96 26.81
CA THR B 165 9.79 11.26 26.24
C THR B 165 9.69 11.18 24.71
N CYS B 166 9.17 10.08 24.15
CA CYS B 166 9.15 9.87 22.69
C CYS B 166 7.82 10.20 22.03
N GLU B 167 7.85 10.45 20.71
CA GLU B 167 6.61 10.50 19.93
C GLU B 167 6.80 9.88 18.58
N PHE B 168 5.70 9.52 17.96
CA PHE B 168 5.67 8.96 16.62
C PHE B 168 5.12 10.12 15.82
N THR B 169 6.01 10.76 15.03
CA THR B 169 5.65 11.98 14.33
C THR B 169 5.97 11.86 12.86
N PHE B 170 5.16 12.53 12.04
CA PHE B 170 5.41 12.62 10.61
C PHE B 170 5.57 14.12 10.27
N HIS B 171 6.74 14.51 9.75
CA HIS B 171 7.04 15.88 9.31
C HIS B 171 6.65 16.01 7.84
N LEU B 172 6.00 17.14 7.49
CA LEU B 172 5.49 17.37 6.14
C LEU B 172 5.88 18.72 5.51
N GLY B 173 6.60 19.57 6.24
CA GLY B 173 6.85 20.95 5.83
C GLY B 173 8.16 21.22 5.15
N GLY B 174 8.46 22.51 4.96
CA GLY B 174 9.65 22.96 4.22
C GLY B 174 9.82 22.32 2.85
N GLU B 175 11.02 21.83 2.62
CA GLU B 175 11.37 21.22 1.41
C GLU B 175 10.68 19.87 1.15
N LEU B 176 9.94 19.26 2.08
CA LEU B 176 9.16 18.05 1.78
C LEU B 176 7.85 18.32 1.02
N ALA B 177 7.34 19.54 1.17
CA ALA B 177 5.96 19.84 0.87
C ALA B 177 5.72 20.00 -0.64
N ALA B 178 4.58 19.54 -1.10
CA ALA B 178 4.02 19.92 -2.43
C ALA B 178 3.45 21.39 -2.40
N GLY B 179 2.96 21.85 -3.54
CA GLY B 179 2.16 23.04 -3.62
C GLY B 179 0.96 23.04 -2.74
N THR B 180 0.87 24.02 -1.87
CA THR B 180 -0.19 24.10 -0.85
C THR B 180 -1.44 24.87 -1.30
N PRO B 181 -2.64 24.49 -0.82
CA PRO B 181 -2.99 23.38 0.05
C PRO B 181 -3.03 22.03 -0.62
N TYR B 182 -2.76 20.99 0.16
CA TYR B 182 -2.93 19.62 -0.33
C TYR B 182 -3.14 18.65 0.86
N TYR B 183 -3.57 17.43 0.60
CA TYR B 183 -3.89 16.51 1.68
C TYR B 183 -2.89 15.36 1.78
N VAL B 184 -2.50 15.03 3.00
CA VAL B 184 -1.81 13.80 3.32
C VAL B 184 -2.71 12.95 4.17
N TYR B 185 -2.78 11.67 3.84
CA TYR B 185 -3.65 10.73 4.54
C TYR B 185 -2.82 9.71 5.32
N LEU B 186 -3.34 9.27 6.46
CA LEU B 186 -2.67 8.31 7.36
C LEU B 186 -3.75 7.34 7.82
N ASP B 187 -3.40 6.08 7.90
CA ASP B 187 -4.34 5.04 8.22
C ASP B 187 -3.58 3.78 8.70
N ASP B 188 -4.28 2.95 9.42
CA ASP B 188 -3.72 1.68 9.82
C ASP B 188 -2.31 1.87 10.43
N VAL B 189 -2.20 2.72 11.41
CA VAL B 189 -0.92 2.99 12.06
C VAL B 189 -0.77 2.09 13.28
N SER B 190 0.42 1.59 13.56
CA SER B 190 0.64 0.62 14.68
C SER B 190 2.07 0.69 15.05
N LEU B 191 2.35 0.69 16.35
CA LEU B 191 3.68 0.49 16.87
C LEU B 191 3.60 -0.70 17.89
N TYR B 192 3.84 -1.90 17.39
CA TYR B 192 3.67 -3.15 18.14
C TYR B 192 4.98 -3.59 18.85
N ASP B 193 4.85 -4.07 20.09
CA ASP B 193 5.93 -4.66 20.88
C ASP B 193 5.34 -5.88 21.56
N PRO B 194 5.81 -7.11 21.18
CA PRO B 194 5.27 -8.25 21.88
C PRO B 194 5.41 -8.23 23.41
N ARG B 195 6.35 -7.45 23.98
CA ARG B 195 6.55 -7.40 25.44
C ARG B 195 5.94 -6.13 26.03
N PHE B 196 4.95 -5.57 25.34
CA PHE B 196 4.20 -4.44 25.84
C PHE B 196 2.72 -4.84 25.89
N VAL B 197 2.05 -4.41 26.98
CA VAL B 197 0.62 -4.65 27.15
C VAL B 197 0.05 -3.39 27.70
N LYS B 198 -0.90 -2.81 27.02
CA LYS B 198 -1.47 -1.59 27.48
C LYS B 198 -2.06 -1.81 28.88
N PRO B 199 -1.99 -0.80 29.74
CA PRO B 199 -2.74 -0.97 31.01
C PRO B 199 -4.23 -0.94 30.69
N VAL B 200 -5.02 -1.73 31.45
CA VAL B 200 -6.46 -1.85 31.27
C VAL B 200 -7.16 -1.29 32.49
N GLU B 201 -8.24 -0.57 32.26
CA GLU B 201 -9.20 -0.21 33.27
C GLU B 201 -10.43 -1.09 33.07
N TYR B 202 -11.22 -1.25 34.12
CA TYR B 202 -12.47 -2.00 34.01
C TYR B 202 -13.60 -1.02 34.17
N VAL B 203 -14.50 -1.04 33.19
CA VAL B 203 -15.69 -0.23 33.27
C VAL B 203 -16.91 -1.13 33.24
N LEU B 204 -17.96 -0.67 33.91
CA LEU B 204 -19.15 -1.48 34.15
C LEU B 204 -20.22 -1.16 33.10
N PRO B 205 -20.74 -2.20 32.39
CA PRO B 205 -21.90 -1.94 31.53
C PRO B 205 -23.16 -1.87 32.38
#